data_4S3H
#
_entry.id   4S3H
#
_cell.length_a   91.073
_cell.length_b   91.073
_cell.length_c   224.503
_cell.angle_alpha   90.000
_cell.angle_beta   90.000
_cell.angle_gamma   120.000
#
_symmetry.space_group_name_H-M   'P 65 2 2'
#
loop_
_entity.id
_entity.type
_entity.pdbx_description
1 polymer Mdb1
2 non-polymer 'SULFATE ION'
3 water water
#
_entity_poly.entity_id   1
_entity_poly.type   'polypeptide(L)'
_entity_poly.pdbx_seq_one_letter_code
;MGSSHHHHHHSSGLEVLFQGPHMEIQFGNQRCRMVNSGGFLATDGSHLKEMETDDVLVEFLNIEHQLFIRNIRAIVKIAD
TTVLPSASDKKLLYYVFDETRVRINDTPVIFSKLEEDNANVNEGSK
;
_entity_poly.pdbx_strand_id   A,B,C,D
#
# COMPACT_ATOMS: atom_id res chain seq x y z
N MET A 23 -9.43 -14.90 27.65
CA MET A 23 -10.26 -13.70 27.77
C MET A 23 -11.53 -13.79 26.91
N GLU A 24 -12.42 -12.85 27.12
CA GLU A 24 -13.63 -12.77 26.33
C GLU A 24 -13.71 -11.56 25.42
N ILE A 25 -14.24 -11.82 24.23
CA ILE A 25 -14.37 -10.86 23.17
C ILE A 25 -15.83 -10.52 23.11
N GLN A 26 -16.15 -9.26 23.31
CA GLN A 26 -17.49 -8.81 23.12
C GLN A 26 -17.53 -7.94 21.88
N PHE A 27 -18.40 -8.30 20.98
CA PHE A 27 -18.46 -7.62 19.71
C PHE A 27 -19.92 -7.33 19.57
N GLY A 28 -20.33 -6.16 20.06
CA GLY A 28 -21.74 -5.84 20.10
C GLY A 28 -22.48 -6.90 20.89
N ASN A 29 -23.47 -7.49 20.23
CA ASN A 29 -24.14 -8.72 20.68
C ASN A 29 -23.30 -9.83 21.32
N GLN A 30 -22.13 -10.09 20.74
CA GLN A 30 -21.52 -11.39 20.88
C GLN A 30 -20.64 -11.48 22.07
N ARG A 31 -20.71 -12.61 22.76
CA ARG A 31 -19.72 -12.90 23.74
C ARG A 31 -19.04 -14.12 23.10
N CYS A 32 -17.72 -14.11 23.06
CA CYS A 32 -16.93 -15.21 22.50
C CYS A 32 -15.80 -15.41 23.43
N ARG A 33 -15.30 -16.63 23.58
CA ARG A 33 -14.12 -16.74 24.41
C ARG A 33 -12.97 -17.13 23.51
N MET A 34 -11.79 -16.78 23.98
CA MET A 34 -10.56 -17.08 23.30
C MET A 34 -9.63 -17.72 24.32
N VAL A 35 -9.24 -18.98 24.12
CA VAL A 35 -8.58 -19.68 25.21
C VAL A 35 -7.18 -20.23 24.88
N ASN A 36 -6.79 -20.22 23.61
CA ASN A 36 -5.50 -20.79 23.23
C ASN A 36 -4.83 -20.13 22.07
N SER A 37 -4.25 -18.96 22.31
CA SER A 37 -3.50 -18.22 21.30
C SER A 37 -4.33 -17.77 20.09
N GLY A 38 -5.60 -18.14 20.02
CA GLY A 38 -6.47 -17.48 19.08
C GLY A 38 -7.40 -18.28 18.20
N GLY A 39 -7.86 -17.65 17.13
CA GLY A 39 -8.82 -18.27 16.24
C GLY A 39 -9.52 -17.27 15.36
N PHE A 40 -10.51 -17.72 14.59
CA PHE A 40 -11.16 -16.83 13.63
C PHE A 40 -12.54 -16.40 14.12
N LEU A 41 -12.80 -15.11 14.00
CA LEU A 41 -14.08 -14.56 14.42
C LEU A 41 -15.14 -14.72 13.35
N ALA A 42 -16.16 -15.52 13.64
CA ALA A 42 -17.31 -15.66 12.76
C ALA A 42 -18.27 -14.53 13.06
N THR A 43 -19.24 -14.27 12.19
CA THR A 43 -20.14 -13.14 12.42
C THR A 43 -21.06 -13.35 13.63
N ASP A 44 -21.67 -14.52 13.72
CA ASP A 44 -22.44 -14.90 14.91
C ASP A 44 -21.67 -15.88 15.82
N LEU A 48 -15.19 -18.70 18.75
CA LEU A 48 -14.03 -18.54 17.89
C LEU A 48 -13.76 -19.83 17.13
N LYS A 49 -13.71 -19.75 15.80
CA LYS A 49 -13.55 -20.94 14.99
C LYS A 49 -12.08 -21.26 14.74
N GLU A 50 -11.78 -22.53 14.52
CA GLU A 50 -10.40 -22.96 14.28
C GLU A 50 -10.03 -22.81 12.81
N MET A 51 -10.97 -23.07 11.92
CA MET A 51 -10.67 -23.05 10.50
C MET A 51 -11.08 -21.72 9.89
N GLU A 52 -10.34 -21.27 8.88
CA GLU A 52 -10.67 -20.04 8.19
C GLU A 52 -11.71 -20.31 7.12
N THR A 53 -12.99 -20.20 7.45
CA THR A 53 -14.02 -20.37 6.44
C THR A 53 -14.16 -19.05 5.71
N ASP A 54 -14.96 -19.03 4.65
CA ASP A 54 -15.11 -17.80 3.88
C ASP A 54 -16.18 -16.88 4.46
N ASP A 55 -16.65 -17.21 5.66
CA ASP A 55 -17.59 -16.32 6.34
C ASP A 55 -17.04 -15.68 7.64
N VAL A 56 -15.76 -15.95 7.96
CA VAL A 56 -15.10 -15.31 9.10
C VAL A 56 -14.59 -13.92 8.77
N LEU A 57 -14.62 -13.01 9.73
CA LEU A 57 -14.30 -11.61 9.49
C LEU A 57 -12.85 -11.29 9.75
N VAL A 58 -12.32 -11.93 10.79
CA VAL A 58 -11.04 -11.51 11.34
C VAL A 58 -10.31 -12.70 12.02
N GLU A 59 -8.98 -12.61 12.13
CA GLU A 59 -8.16 -13.62 12.81
C GLU A 59 -7.49 -13.04 14.05
N PHE A 60 -7.60 -13.73 15.18
CA PHE A 60 -6.91 -13.32 16.42
C PHE A 60 -5.76 -14.23 16.83
N LEU A 61 -4.65 -13.61 17.22
CA LEU A 61 -3.52 -14.33 17.83
C LEU A 61 -3.20 -13.73 19.21
N ASN A 62 -3.05 -14.57 20.23
CA ASN A 62 -2.66 -14.15 21.57
C ASN A 62 -1.39 -14.89 21.99
N ILE A 63 -0.26 -14.20 22.09
CA ILE A 63 0.99 -14.86 22.45
C ILE A 63 1.87 -13.98 23.35
N GLU A 64 2.41 -14.55 24.43
CA GLU A 64 3.26 -13.80 25.38
C GLU A 64 2.59 -12.47 25.80
N HIS A 65 1.33 -12.58 26.19
CA HIS A 65 0.51 -11.44 26.62
C HIS A 65 0.38 -10.38 25.53
N GLN A 66 0.55 -10.73 24.27
CA GLN A 66 0.34 -9.74 23.22
C GLN A 66 -0.76 -10.18 22.29
N LEU A 67 -1.59 -9.20 21.93
CA LEU A 67 -2.74 -9.44 21.09
C LEU A 67 -2.51 -8.94 19.63
N PHE A 68 -2.88 -9.78 18.67
CA PHE A 68 -2.71 -9.44 17.25
C PHE A 68 -4.00 -9.69 16.47
N ILE A 69 -4.29 -8.80 15.55
CA ILE A 69 -5.46 -8.96 14.70
C ILE A 69 -5.08 -8.92 13.22
N ARG A 70 -5.55 -9.91 12.47
CA ARG A 70 -5.45 -9.91 11.00
C ARG A 70 -6.85 -9.71 10.44
N ASN A 71 -6.96 -8.76 9.52
CA ASN A 71 -8.21 -8.48 8.84
C ASN A 71 -8.33 -9.38 7.63
N ILE A 72 -9.50 -9.98 7.46
CA ILE A 72 -9.75 -10.82 6.31
C ILE A 72 -10.81 -10.23 5.36
N ARG A 73 -11.97 -9.87 5.89
CA ARG A 73 -13.14 -9.45 5.11
C ARG A 73 -13.91 -8.26 5.70
N ALA A 74 -13.28 -7.46 6.54
CA ALA A 74 -14.01 -6.38 7.23
C ALA A 74 -13.31 -5.03 7.16
N ILE A 75 -13.95 -4.03 7.74
CA ILE A 75 -13.27 -2.77 8.04
C ILE A 75 -12.83 -2.78 9.51
N VAL A 76 -11.52 -2.74 9.74
CA VAL A 76 -10.96 -2.99 11.05
C VAL A 76 -10.12 -1.81 11.46
N LYS A 77 -10.30 -1.31 12.68
CA LYS A 77 -9.48 -0.21 13.14
C LYS A 77 -8.86 -0.50 14.51
N ILE A 78 -7.61 -0.07 14.68
CA ILE A 78 -7.00 0.01 16.00
C ILE A 78 -6.68 1.46 16.21
N ALA A 79 -7.43 2.13 17.07
CA ALA A 79 -7.34 3.58 17.16
C ALA A 79 -7.47 4.18 15.76
N ASP A 80 -6.48 4.93 15.30
CA ASP A 80 -6.60 5.61 14.03
C ASP A 80 -5.96 4.82 12.91
N THR A 81 -5.58 3.59 13.19
CA THR A 81 -4.89 2.75 12.22
C THR A 81 -5.86 1.82 11.55
N THR A 82 -5.98 1.85 10.21
CA THR A 82 -6.78 0.80 9.55
C THR A 82 -5.89 -0.41 9.27
N VAL A 83 -6.42 -1.58 9.61
CA VAL A 83 -5.72 -2.84 9.44
C VAL A 83 -5.97 -3.37 8.02
N LEU A 84 -4.93 -3.35 7.19
CA LEU A 84 -5.09 -3.81 5.82
C LEU A 84 -5.50 -5.27 5.83
N PRO A 85 -6.42 -5.65 4.93
CA PRO A 85 -6.77 -7.07 4.77
C PRO A 85 -5.58 -7.86 4.21
N SER A 86 -5.50 -9.15 4.48
CA SER A 86 -4.37 -9.95 4.02
C SER A 86 -4.85 -11.37 3.73
N ALA A 87 -4.18 -12.07 2.82
CA ALA A 87 -4.52 -13.46 2.50
C ALA A 87 -3.84 -14.45 3.45
N SER A 88 -4.32 -15.68 3.45
CA SER A 88 -3.88 -16.67 4.43
C SER A 88 -2.45 -17.16 4.24
N ASP A 89 -1.91 -16.97 3.05
CA ASP A 89 -0.53 -17.38 2.79
C ASP A 89 0.51 -16.27 3.01
N LYS A 90 0.04 -15.04 3.23
CA LYS A 90 0.88 -13.90 3.54
C LYS A 90 0.15 -13.03 4.55
N LYS A 91 -0.01 -13.54 5.76
CA LYS A 91 -0.78 -12.86 6.77
C LYS A 91 -0.09 -11.59 7.30
N LEU A 92 -0.88 -10.54 7.44
CA LEU A 92 -0.42 -9.34 8.13
C LEU A 92 -1.14 -9.25 9.45
N LEU A 93 -0.46 -9.64 10.52
CA LEU A 93 -1.00 -9.63 11.87
C LEU A 93 -0.52 -8.38 12.59
N TYR A 94 -1.47 -7.53 12.99
CA TYR A 94 -1.17 -6.25 13.63
C TYR A 94 -1.21 -6.29 15.15
N TYR A 95 -0.10 -5.91 15.78
CA TYR A 95 -0.07 -5.78 17.23
C TYR A 95 -1.13 -4.79 17.69
N VAL A 96 -1.98 -5.24 18.59
CA VAL A 96 -3.03 -4.37 19.10
C VAL A 96 -2.38 -3.48 20.15
N PHE A 97 -1.90 -2.31 19.72
CA PHE A 97 -1.22 -1.37 20.60
C PHE A 97 -2.21 -0.56 21.45
N ASP A 98 -3.50 -0.69 21.16
CA ASP A 98 -4.54 -0.07 21.97
C ASP A 98 -5.72 -1.02 22.10
N GLU A 99 -5.75 -1.79 23.18
CA GLU A 99 -6.79 -2.80 23.33
C GLU A 99 -8.16 -2.19 23.61
N THR A 100 -8.20 -0.87 23.82
CA THR A 100 -9.44 -0.20 24.14
C THR A 100 -10.07 0.51 22.94
N ARG A 101 -9.47 0.44 21.76
CA ARG A 101 -10.05 1.14 20.60
C ARG A 101 -10.07 0.29 19.34
N VAL A 102 -10.29 -1.01 19.50
CA VAL A 102 -10.45 -1.89 18.35
C VAL A 102 -11.89 -1.82 17.88
N ARG A 103 -12.06 -1.55 16.59
CA ARG A 103 -13.38 -1.51 15.96
C ARG A 103 -13.45 -2.46 14.75
N ILE A 104 -14.54 -3.21 14.63
CA ILE A 104 -14.70 -4.03 13.45
C ILE A 104 -16.02 -3.70 12.78
N ASN A 105 -15.98 -3.28 11.52
CA ASN A 105 -17.19 -2.84 10.84
C ASN A 105 -17.92 -1.83 11.70
N ASP A 106 -17.18 -0.81 12.15
CA ASP A 106 -17.78 0.29 12.92
C ASP A 106 -18.52 -0.15 14.18
N THR A 107 -18.12 -1.30 14.73
CA THR A 107 -18.66 -1.82 15.98
C THR A 107 -17.51 -2.07 16.98
N PRO A 108 -17.60 -1.47 18.17
CA PRO A 108 -16.54 -1.63 19.17
C PRO A 108 -16.38 -3.05 19.67
N VAL A 109 -15.12 -3.45 19.88
CA VAL A 109 -14.78 -4.75 20.45
C VAL A 109 -14.16 -4.57 21.82
N ILE A 110 -14.73 -5.24 22.82
CA ILE A 110 -14.21 -5.18 24.18
C ILE A 110 -13.56 -6.49 24.55
N PHE A 111 -12.32 -6.41 25.04
CA PHE A 111 -11.63 -7.60 25.51
C PHE A 111 -11.64 -7.54 27.03
N SER A 112 -11.98 -8.64 27.70
CA SER A 112 -11.89 -8.66 29.16
C SER A 112 -11.48 -10.03 29.67
N LYS A 113 -10.52 -10.06 30.58
CA LYS A 113 -10.02 -11.33 31.10
C LYS A 113 -11.01 -11.97 32.08
N MET B 23 11.58 9.70 8.18
CA MET B 23 11.86 9.41 6.77
C MET B 23 13.34 9.04 6.64
N GLU B 24 14.14 9.58 7.56
CA GLU B 24 15.52 9.17 7.74
C GLU B 24 15.76 8.44 9.07
N ILE B 25 16.50 7.35 9.01
CA ILE B 25 16.76 6.49 10.16
C ILE B 25 18.21 6.45 10.56
N GLN B 26 18.52 6.81 11.79
CA GLN B 26 19.88 6.59 12.30
C GLN B 26 19.94 5.55 13.41
N PHE B 27 20.89 4.66 13.25
CA PHE B 27 21.03 3.45 14.05
C PHE B 27 22.45 3.42 14.55
N GLY B 28 22.63 3.83 15.80
CA GLY B 28 23.96 4.00 16.36
C GLY B 28 24.74 5.06 15.59
N ASN B 29 25.93 4.70 15.12
CA ASN B 29 26.66 5.54 14.18
C ASN B 29 26.16 5.61 12.71
N GLN B 30 25.38 4.65 12.20
CA GLN B 30 25.06 4.70 10.75
C GLN B 30 23.72 5.38 10.41
N ARG B 31 23.73 6.20 9.36
CA ARG B 31 22.54 6.89 8.88
C ARG B 31 22.09 6.34 7.53
N CYS B 32 20.78 6.15 7.35
CA CYS B 32 20.25 5.75 6.03
C CYS B 32 18.89 6.39 5.75
N ARG B 33 18.54 6.43 4.47
CA ARG B 33 17.29 7.00 3.99
C ARG B 33 16.28 5.94 3.63
N MET B 34 14.98 6.26 3.72
CA MET B 34 13.96 5.37 3.15
C MET B 34 12.91 6.20 2.39
N SER B 37 7.19 3.77 1.20
CA SER B 37 7.74 2.48 0.79
C SER B 37 8.16 1.59 1.98
N GLY B 38 9.47 1.55 2.23
CA GLY B 38 10.03 0.88 3.38
C GLY B 38 11.27 0.09 2.98
N GLY B 39 11.65 -0.91 3.76
CA GLY B 39 12.81 -1.72 3.44
C GLY B 39 13.39 -2.52 4.59
N PHE B 40 14.50 -3.20 4.34
CA PHE B 40 15.09 -4.08 5.31
C PHE B 40 16.40 -3.49 5.82
N LEU B 41 16.60 -3.51 7.13
CA LEU B 41 17.83 -2.97 7.70
C LEU B 41 18.93 -4.03 7.58
N ALA B 42 20.04 -3.66 6.94
CA ALA B 42 21.16 -4.59 6.76
C ALA B 42 21.89 -4.78 8.08
N THR B 43 22.74 -5.81 8.15
CA THR B 43 23.38 -6.20 9.42
C THR B 43 24.21 -5.04 9.90
N ASP B 44 24.98 -4.49 8.96
CA ASP B 44 25.66 -3.22 9.11
C ASP B 44 24.86 -2.13 9.80
N GLY B 45 23.68 -1.91 9.26
CA GLY B 45 22.84 -0.80 9.65
C GLY B 45 23.19 0.38 8.76
N SER B 46 23.78 0.10 7.59
CA SER B 46 24.26 1.17 6.71
C SER B 46 23.16 1.73 5.82
N HIS B 47 22.37 0.83 5.28
CA HIS B 47 21.35 1.16 4.32
C HIS B 47 20.13 0.27 4.48
N LEU B 48 19.06 0.63 3.78
CA LEU B 48 17.87 -0.22 3.75
C LEU B 48 17.77 -0.98 2.43
N LYS B 49 17.78 -2.30 2.51
CA LYS B 49 17.78 -3.14 1.31
C LYS B 49 16.34 -3.35 0.89
N GLU B 50 16.14 -3.64 -0.39
CA GLU B 50 14.81 -3.84 -0.93
C GLU B 50 14.25 -5.24 -0.76
N MET B 51 15.12 -6.23 -0.92
CA MET B 51 14.74 -7.62 -0.73
C MET B 51 15.25 -8.10 0.62
N GLU B 52 14.54 -9.07 1.18
CA GLU B 52 14.89 -9.69 2.45
C GLU B 52 15.96 -10.76 2.29
N THR B 53 17.22 -10.42 2.54
CA THR B 53 18.27 -11.43 2.52
C THR B 53 18.27 -12.08 3.90
N ASP B 54 19.02 -13.16 4.11
CA ASP B 54 18.97 -13.81 5.41
C ASP B 54 19.94 -13.23 6.45
N ASP B 55 20.53 -12.09 6.13
CA ASP B 55 21.34 -11.41 7.14
C ASP B 55 20.75 -10.04 7.57
N VAL B 56 19.59 -9.67 7.05
CA VAL B 56 18.94 -8.41 7.44
C VAL B 56 18.28 -8.52 8.83
N LEU B 57 18.22 -7.40 9.54
CA LEU B 57 17.80 -7.43 10.94
C LEU B 57 16.30 -7.28 11.14
N VAL B 58 15.70 -6.32 10.43
CA VAL B 58 14.31 -5.94 10.66
C VAL B 58 13.75 -5.36 9.35
N GLU B 59 12.43 -5.28 9.29
CA GLU B 59 11.72 -4.65 8.19
C GLU B 59 11.01 -3.39 8.68
N PHE B 60 11.19 -2.29 7.97
CA PHE B 60 10.43 -1.08 8.23
C PHE B 60 9.39 -0.98 7.12
N LEU B 61 8.15 -0.72 7.50
CA LEU B 61 7.07 -0.53 6.53
C LEU B 61 6.37 0.79 6.75
N ASN B 62 5.99 1.43 5.66
CA ASN B 62 5.22 2.65 5.66
C ASN B 62 3.87 2.35 5.10
N ILE B 63 2.85 2.40 5.94
CA ILE B 63 1.51 2.07 5.46
C ILE B 63 0.58 3.18 5.86
N GLU B 64 -0.07 3.75 4.85
CA GLU B 64 -0.94 4.89 5.03
C GLU B 64 -0.33 5.93 5.95
N HIS B 65 0.92 6.30 5.68
CA HIS B 65 1.66 7.33 6.41
C HIS B 65 1.89 7.00 7.88
N GLN B 66 1.92 5.72 8.19
CA GLN B 66 2.26 5.26 9.52
C GLN B 66 3.44 4.29 9.47
N LEU B 67 4.29 4.36 10.49
CA LEU B 67 5.50 3.55 10.53
C LEU B 67 5.28 2.27 11.32
N PHE B 68 5.66 1.16 10.71
CA PHE B 68 5.49 -0.17 11.30
C PHE B 68 6.81 -0.88 11.26
N ILE B 69 7.05 -1.71 12.26
CA ILE B 69 8.28 -2.46 12.28
C ILE B 69 7.95 -3.94 12.43
N ARG B 70 8.59 -4.77 11.61
CA ARG B 70 8.55 -6.22 11.75
C ARG B 70 9.93 -6.67 12.13
N ASN B 71 10.05 -7.46 13.18
CA ASN B 71 11.35 -7.95 13.59
C ASN B 71 11.65 -9.26 12.85
N ILE B 72 12.89 -9.44 12.39
CA ILE B 72 13.31 -10.67 11.75
C ILE B 72 14.37 -11.45 12.53
N ARG B 73 15.45 -10.79 12.92
CA ARG B 73 16.57 -11.47 13.55
C ARG B 73 17.23 -10.70 14.70
N ALA B 74 16.58 -9.68 15.23
CA ALA B 74 17.26 -8.88 16.22
C ALA B 74 16.47 -8.86 17.52
N ILE B 75 17.03 -8.24 18.55
CA ILE B 75 16.27 -7.99 19.75
C ILE B 75 15.77 -6.58 19.67
N VAL B 76 14.45 -6.47 19.60
CA VAL B 76 13.83 -5.21 19.25
C VAL B 76 12.80 -4.86 20.29
N LYS B 77 12.84 -3.62 20.77
CA LYS B 77 11.87 -3.13 21.74
C LYS B 77 11.28 -1.82 21.24
N ILE B 78 10.00 -1.63 21.49
CA ILE B 78 9.38 -0.32 21.32
C ILE B 78 8.87 0.05 22.68
N ALA B 79 9.48 1.06 23.29
CA ALA B 79 9.23 1.36 24.71
C ALA B 79 9.48 0.08 25.54
N ASP B 80 8.47 -0.41 26.25
CA ASP B 80 8.71 -1.57 27.10
C ASP B 80 8.18 -2.87 26.52
N THR B 81 7.68 -2.78 25.30
CA THR B 81 7.02 -3.90 24.66
C THR B 81 8.01 -4.62 23.77
N THR B 82 8.12 -5.92 23.93
CA THR B 82 9.03 -6.73 23.13
C THR B 82 8.46 -6.90 21.74
N VAL B 83 9.26 -6.60 20.72
CA VAL B 83 8.82 -6.80 19.33
C VAL B 83 9.21 -8.21 18.90
N LEU B 84 8.24 -9.11 18.87
CA LEU B 84 8.48 -10.49 18.49
C LEU B 84 8.86 -10.63 17.02
N PRO B 85 9.87 -11.46 16.74
CA PRO B 85 10.25 -11.73 15.35
C PRO B 85 9.19 -12.57 14.64
N SER B 86 9.10 -12.46 13.33
CA SER B 86 8.10 -13.20 12.58
C SER B 86 8.61 -13.52 11.21
N ALA B 87 8.16 -14.63 10.65
CA ALA B 87 8.57 -15.03 9.30
C ALA B 87 7.71 -14.30 8.28
N SER B 88 8.14 -14.28 7.03
CA SER B 88 7.46 -13.44 6.04
C SER B 88 6.06 -13.91 5.66
N ASP B 89 5.71 -15.15 5.94
CA ASP B 89 4.35 -15.58 5.57
C ASP B 89 3.35 -15.31 6.68
N LYS B 90 3.84 -14.88 7.83
CA LYS B 90 2.99 -14.53 8.96
C LYS B 90 3.58 -13.31 9.70
N LYS B 91 3.56 -12.13 9.08
CA LYS B 91 4.24 -10.98 9.68
C LYS B 91 3.52 -10.44 10.89
N LEU B 92 4.27 -10.13 11.93
CA LEU B 92 3.72 -9.46 13.11
C LEU B 92 4.16 -8.02 13.03
N LEU B 93 3.22 -7.14 12.69
CA LEU B 93 3.55 -5.75 12.45
C LEU B 93 3.27 -4.85 13.65
N TYR B 94 4.31 -4.20 14.13
CA TYR B 94 4.16 -3.30 15.26
C TYR B 94 4.13 -1.84 14.84
N TYR B 95 3.02 -1.17 15.10
CA TYR B 95 2.95 0.27 14.93
C TYR B 95 3.99 0.93 15.82
N VAL B 96 4.80 1.83 15.29
CA VAL B 96 5.75 2.47 16.17
C VAL B 96 5.05 3.57 16.98
N PHE B 97 4.44 3.18 18.10
CA PHE B 97 3.65 4.09 18.92
C PHE B 97 4.47 5.01 19.83
N ASP B 98 5.76 4.78 19.90
CA ASP B 98 6.68 5.65 20.63
C ASP B 98 8.00 5.77 19.83
N GLU B 99 8.14 6.83 19.05
CA GLU B 99 9.31 6.93 18.20
C GLU B 99 10.56 7.21 19.03
N THR B 100 10.39 7.57 20.29
CA THR B 100 11.56 8.00 21.05
C THR B 100 12.18 6.86 21.84
N ARG B 101 11.58 5.67 21.75
CA ARG B 101 12.03 4.52 22.53
C ARG B 101 12.17 3.25 21.69
N VAL B 102 12.57 3.39 20.45
CA VAL B 102 12.85 2.22 19.63
C VAL B 102 14.29 1.78 19.86
N ARG B 103 14.49 0.51 20.22
CA ARG B 103 15.81 -0.06 20.39
C ARG B 103 15.97 -1.33 19.57
N ILE B 104 17.09 -1.44 18.85
CA ILE B 104 17.43 -2.64 18.12
C ILE B 104 18.81 -3.12 18.54
N ASN B 105 18.88 -4.35 19.06
CA ASN B 105 20.10 -4.88 19.66
C ASN B 105 20.65 -3.88 20.67
N ASP B 106 19.75 -3.41 21.53
CA ASP B 106 20.09 -2.50 22.61
C ASP B 106 20.77 -1.24 22.07
N THR B 107 20.43 -0.87 20.84
CA THR B 107 20.92 0.35 20.24
C THR B 107 19.77 1.25 19.83
N PRO B 108 19.75 2.49 20.36
CA PRO B 108 18.66 3.42 20.06
C PRO B 108 18.58 3.81 18.59
N VAL B 109 17.35 3.91 18.09
CA VAL B 109 17.05 4.27 16.71
C VAL B 109 16.36 5.60 16.68
N ILE B 110 16.92 6.54 15.93
CA ILE B 110 16.30 7.86 15.83
C ILE B 110 15.72 8.10 14.46
N PHE B 111 14.48 8.57 14.44
CA PHE B 111 13.78 8.89 13.21
C PHE B 111 13.71 10.40 13.05
N SER B 112 14.00 10.87 11.85
CA SER B 112 14.01 12.30 11.55
C SER B 112 13.46 12.59 10.16
N LYS B 113 13.17 13.86 9.89
CA LYS B 113 12.50 14.28 8.66
C LYS B 113 13.36 14.08 7.38
N MET C 23 -3.47 -12.42 -18.82
CA MET C 23 -4.90 -12.67 -18.68
C MET C 23 -5.29 -13.53 -17.43
N GLU C 24 -4.76 -14.75 -17.28
CA GLU C 24 -4.93 -15.45 -15.99
C GLU C 24 -4.02 -14.86 -14.92
N ILE C 25 -4.57 -14.68 -13.71
CA ILE C 25 -3.83 -14.06 -12.60
C ILE C 25 -3.59 -15.02 -11.45
N GLN C 26 -2.32 -15.26 -11.15
CA GLN C 26 -2.00 -16.02 -9.96
C GLN C 26 -1.42 -15.12 -8.91
N PHE C 27 -2.05 -15.19 -7.75
CA PHE C 27 -1.79 -14.33 -6.60
C PHE C 27 -1.63 -15.27 -5.44
N GLY C 28 -0.37 -15.57 -5.11
CA GLY C 28 -0.11 -16.56 -4.10
C GLY C 28 -0.69 -17.92 -4.47
N ASN C 29 -1.46 -18.49 -3.55
CA ASN C 29 -2.21 -19.71 -3.81
C ASN C 29 -3.42 -19.56 -4.73
N GLN C 30 -3.92 -18.34 -4.87
CA GLN C 30 -5.21 -18.17 -5.53
C GLN C 30 -4.97 -17.97 -7.01
N ARG C 31 -5.77 -18.65 -7.83
CA ARG C 31 -5.78 -18.36 -9.25
C ARG C 31 -7.15 -17.83 -9.58
N CYS C 32 -7.22 -16.73 -10.30
CA CYS C 32 -8.51 -16.25 -10.76
C CYS C 32 -8.33 -15.70 -12.16
N ARG C 33 -9.43 -15.67 -12.88
CA ARG C 33 -9.31 -15.22 -14.24
C ARG C 33 -9.90 -13.83 -14.44
N MET C 34 -9.33 -13.11 -15.40
CA MET C 34 -9.73 -11.77 -15.79
C MET C 34 -9.99 -11.71 -17.25
N VAL C 35 -11.24 -11.51 -17.64
CA VAL C 35 -11.57 -11.69 -19.04
C VAL C 35 -12.27 -10.48 -19.70
N ASN C 36 -12.64 -9.48 -18.91
CA ASN C 36 -13.37 -8.36 -19.49
C ASN C 36 -13.07 -7.01 -18.83
N SER C 37 -12.11 -6.27 -19.39
CA SER C 37 -11.75 -4.91 -18.92
C SER C 37 -11.21 -4.86 -17.47
N GLY C 38 -11.56 -5.84 -16.64
CA GLY C 38 -10.92 -5.97 -15.34
C GLY C 38 -11.73 -6.42 -14.14
N GLY C 39 -11.27 -6.02 -12.97
CA GLY C 39 -11.93 -6.40 -11.75
C GLY C 39 -11.08 -6.18 -10.53
N PHE C 40 -11.61 -6.58 -9.38
CA PHE C 40 -10.97 -6.35 -8.10
C PHE C 40 -10.48 -7.65 -7.45
N LEU C 41 -9.24 -7.65 -6.99
CA LEU C 41 -8.66 -8.82 -6.39
C LEU C 41 -9.00 -8.93 -4.90
N ALA C 42 -9.74 -9.96 -4.51
CA ALA C 42 -10.11 -10.18 -3.11
C ALA C 42 -9.01 -10.91 -2.32
N THR C 43 -9.18 -10.96 -1.01
CA THR C 43 -8.22 -11.65 -0.15
C THR C 43 -8.28 -13.14 -0.31
N ASP C 44 -9.49 -13.70 -0.21
CA ASP C 44 -9.68 -15.13 -0.41
C ASP C 44 -10.89 -15.40 -1.28
N GLY C 45 -10.70 -15.14 -2.56
CA GLY C 45 -11.71 -15.40 -3.55
C GLY C 45 -10.95 -15.84 -4.79
N SER C 46 -11.34 -16.95 -5.40
CA SER C 46 -10.64 -17.34 -6.62
C SER C 46 -11.31 -16.81 -7.91
N HIS C 47 -12.01 -15.68 -7.81
CA HIS C 47 -12.56 -14.98 -8.96
C HIS C 47 -12.31 -13.49 -8.77
N LEU C 48 -12.26 -12.75 -9.87
CA LEU C 48 -12.07 -11.29 -9.82
C LEU C 48 -13.40 -10.64 -9.52
N LYS C 49 -13.49 -9.80 -8.49
CA LYS C 49 -14.82 -9.27 -8.14
C LYS C 49 -15.16 -8.04 -8.97
N GLU C 50 -16.45 -7.84 -9.19
CA GLU C 50 -16.93 -6.75 -10.04
C GLU C 50 -17.10 -5.45 -9.25
N MET C 51 -17.56 -5.56 -8.02
CA MET C 51 -17.78 -4.40 -7.17
C MET C 51 -16.62 -4.25 -6.17
N GLU C 52 -16.29 -3.01 -5.80
CA GLU C 52 -15.23 -2.78 -4.83
C GLU C 52 -15.75 -2.96 -3.42
N THR C 53 -15.71 -4.19 -2.93
CA THR C 53 -16.12 -4.50 -1.57
C THR C 53 -14.95 -4.23 -0.62
N ASP C 54 -15.15 -4.41 0.68
CA ASP C 54 -14.08 -4.08 1.60
C ASP C 54 -13.08 -5.23 1.83
N ASP C 55 -13.17 -6.30 1.06
CA ASP C 55 -12.13 -7.33 1.17
C ASP C 55 -11.25 -7.33 -0.08
N VAL C 56 -11.48 -6.38 -1.01
CA VAL C 56 -10.60 -6.31 -2.16
C VAL C 56 -9.34 -5.52 -1.81
N LEU C 57 -8.24 -5.93 -2.41
CA LEU C 57 -6.92 -5.38 -2.18
C LEU C 57 -6.56 -4.32 -3.22
N VAL C 58 -6.90 -4.65 -4.47
CA VAL C 58 -6.34 -3.93 -5.59
C VAL C 58 -7.29 -4.02 -6.80
N GLU C 59 -7.12 -3.10 -7.76
CA GLU C 59 -7.91 -3.13 -9.01
C GLU C 59 -7.05 -3.40 -10.25
N PHE C 60 -7.48 -4.35 -11.08
CA PHE C 60 -6.85 -4.56 -12.38
C PHE C 60 -7.77 -4.01 -13.47
N LEU C 61 -7.17 -3.22 -14.35
CA LEU C 61 -7.87 -2.61 -15.47
C LEU C 61 -7.22 -2.99 -16.76
N ASN C 62 -8.06 -3.22 -17.76
CA ASN C 62 -7.60 -3.47 -19.12
C ASN C 62 -8.03 -2.26 -19.93
N ILE C 63 -7.05 -1.53 -20.46
CA ILE C 63 -7.35 -0.34 -21.27
C ILE C 63 -6.54 -0.39 -22.53
N GLU C 64 -7.24 -0.33 -23.66
CA GLU C 64 -6.63 -0.46 -24.99
C GLU C 64 -5.59 -1.58 -25.00
N HIS C 65 -6.00 -2.75 -24.50
CA HIS C 65 -5.20 -3.97 -24.50
C HIS C 65 -3.90 -3.87 -23.71
N GLN C 66 -3.86 -2.94 -22.78
CA GLN C 66 -2.75 -2.77 -21.84
C GLN C 66 -3.23 -2.95 -20.41
N LEU C 67 -2.35 -3.51 -19.57
CA LEU C 67 -2.69 -3.86 -18.20
C LEU C 67 -2.28 -2.76 -17.20
N PHE C 68 -3.24 -2.43 -16.32
CA PHE C 68 -3.05 -1.41 -15.31
C PHE C 68 -3.45 -1.89 -13.93
N ILE C 69 -2.74 -1.40 -12.92
CA ILE C 69 -3.05 -1.74 -11.55
C ILE C 69 -3.27 -0.43 -10.78
N ARG C 70 -4.36 -0.41 -10.01
CA ARG C 70 -4.64 0.63 -9.02
C ARG C 70 -4.60 0.00 -7.66
N ASN C 71 -3.85 0.57 -6.74
CA ASN C 71 -3.82 0.01 -5.38
C ASN C 71 -4.96 0.62 -4.54
N ILE C 72 -5.66 -0.23 -3.79
CA ILE C 72 -6.69 0.27 -2.89
C ILE C 72 -6.28 0.04 -1.43
N ARG C 73 -5.95 -1.20 -1.08
CA ARG C 73 -5.78 -1.54 0.32
C ARG C 73 -4.59 -2.44 0.61
N ALA C 74 -3.58 -2.46 -0.23
CA ALA C 74 -2.49 -3.39 0.01
C ALA C 74 -1.15 -2.69 -0.06
N ILE C 75 -0.08 -3.45 0.20
CA ILE C 75 1.27 -2.99 -0.07
C ILE C 75 1.69 -3.53 -1.42
N VAL C 76 1.83 -2.62 -2.39
CA VAL C 76 1.93 -3.04 -3.78
C VAL C 76 3.15 -2.45 -4.47
N LYS C 77 3.87 -3.30 -5.20
CA LYS C 77 5.05 -2.88 -5.92
C LYS C 77 5.09 -3.33 -7.40
N ILE C 78 5.65 -2.49 -8.26
CA ILE C 78 6.09 -2.92 -9.59
C ILE C 78 7.57 -2.67 -9.63
N ALA C 79 8.33 -3.76 -9.62
CA ALA C 79 9.78 -3.68 -9.43
C ALA C 79 10.10 -2.88 -8.17
N ASP C 80 10.79 -1.78 -8.36
CA ASP C 80 11.18 -0.96 -7.24
C ASP C 80 10.20 0.18 -7.05
N THR C 81 9.14 0.22 -7.86
CA THR C 81 8.23 1.35 -7.78
C THR C 81 7.05 0.95 -6.92
N THR C 82 6.81 1.72 -5.87
CA THR C 82 5.66 1.43 -5.02
C THR C 82 4.41 2.06 -5.66
N VAL C 83 3.35 1.25 -5.69
CA VAL C 83 2.06 1.65 -6.23
C VAL C 83 1.22 2.33 -5.12
N LEU C 84 1.10 3.65 -5.16
CA LEU C 84 0.35 4.41 -4.14
C LEU C 84 -1.13 4.00 -4.12
N PRO C 85 -1.74 3.87 -2.93
CA PRO C 85 -3.20 3.61 -2.93
C PRO C 85 -3.98 4.84 -3.38
N SER C 86 -5.17 4.63 -3.93
CA SER C 86 -5.96 5.74 -4.45
C SER C 86 -7.45 5.48 -4.34
N ALA C 87 -8.22 6.56 -4.23
CA ALA C 87 -9.68 6.49 -4.20
C ALA C 87 -10.23 6.39 -5.64
N SER C 88 -11.47 5.92 -5.79
CA SER C 88 -11.98 5.62 -7.12
C SER C 88 -12.31 6.86 -7.93
N ASP C 89 -12.47 8.00 -7.27
CA ASP C 89 -12.72 9.27 -7.96
C ASP C 89 -11.43 10.02 -8.29
N LYS C 90 -10.31 9.48 -7.84
CA LYS C 90 -9.00 10.04 -8.15
C LYS C 90 -7.99 8.89 -8.35
N LYS C 91 -8.22 8.04 -9.35
CA LYS C 91 -7.38 6.85 -9.51
C LYS C 91 -6.00 7.23 -9.99
N LEU C 92 -5.00 6.61 -9.37
CA LEU C 92 -3.63 6.72 -9.82
C LEU C 92 -3.34 5.39 -10.52
N LEU C 93 -3.33 5.42 -11.86
CA LEU C 93 -3.21 4.20 -12.65
C LEU C 93 -1.77 3.85 -12.99
N TYR C 94 -1.32 2.66 -12.58
CA TYR C 94 0.04 2.23 -12.91
C TYR C 94 0.05 1.19 -14.04
N TYR C 95 0.61 1.54 -15.19
CA TYR C 95 0.84 0.57 -16.24
C TYR C 95 1.76 -0.54 -15.73
N VAL C 96 1.41 -1.80 -15.95
CA VAL C 96 2.30 -2.87 -15.49
C VAL C 96 3.48 -2.99 -16.47
N PHE C 97 4.48 -2.15 -16.25
CA PHE C 97 5.64 -2.04 -17.12
C PHE C 97 6.67 -3.14 -16.92
N ASP C 98 6.46 -3.98 -15.90
CA ASP C 98 7.29 -5.15 -15.69
C ASP C 98 6.41 -6.29 -15.16
N GLU C 99 5.96 -7.17 -16.05
CA GLU C 99 5.00 -8.20 -15.67
C GLU C 99 5.52 -9.29 -14.76
N THR C 100 6.84 -9.33 -14.57
CA THR C 100 7.50 -10.35 -13.74
C THR C 100 7.87 -9.85 -12.33
N ARG C 101 7.57 -8.58 -12.03
CA ARG C 101 7.96 -7.98 -10.77
C ARG C 101 6.82 -7.21 -10.09
N VAL C 102 5.61 -7.70 -10.27
CA VAL C 102 4.47 -7.18 -9.52
C VAL C 102 4.36 -7.93 -8.20
N ARG C 103 4.38 -7.21 -7.09
CA ARG C 103 4.20 -7.84 -5.78
C ARG C 103 3.02 -7.22 -5.01
N ILE C 104 2.15 -8.05 -4.46
CA ILE C 104 1.07 -7.56 -3.62
C ILE C 104 1.18 -8.20 -2.25
N ASN C 105 1.41 -7.37 -1.24
CA ASN C 105 1.70 -7.83 0.12
C ASN C 105 2.80 -8.86 0.10
N ASP C 106 3.88 -8.50 -0.57
CA ASP C 106 5.08 -9.32 -0.62
C ASP C 106 4.80 -10.71 -1.24
N THR C 107 3.78 -10.77 -2.09
CA THR C 107 3.43 -11.99 -2.83
C THR C 107 3.53 -11.71 -4.33
N PRO C 108 4.32 -12.52 -5.05
CA PRO C 108 4.46 -12.31 -6.51
C PRO C 108 3.14 -12.55 -7.24
N VAL C 109 2.87 -11.72 -8.24
CA VAL C 109 1.68 -11.87 -9.05
C VAL C 109 2.15 -12.24 -10.44
N ILE C 110 1.65 -13.39 -10.89
CA ILE C 110 2.03 -13.95 -12.18
C ILE C 110 0.90 -13.91 -13.20
N PHE C 111 1.19 -13.35 -14.38
CA PHE C 111 0.22 -13.21 -15.45
C PHE C 111 0.46 -14.18 -16.58
N SER C 112 -0.60 -14.82 -17.06
CA SER C 112 -0.42 -15.75 -18.16
C SER C 112 -1.52 -15.69 -19.23
N MET D 23 11.22 18.77 -11.20
CA MET D 23 10.23 19.81 -10.97
C MET D 23 10.00 20.63 -12.24
N GLU D 24 10.76 20.32 -13.28
CA GLU D 24 10.54 21.07 -14.50
C GLU D 24 10.05 20.53 -15.89
N ILE D 25 9.07 21.23 -16.49
CA ILE D 25 8.48 20.71 -17.73
C ILE D 25 8.74 21.61 -18.91
N GLN D 26 9.46 21.13 -19.92
CA GLN D 26 9.55 21.91 -21.14
C GLN D 26 8.83 21.15 -22.23
N PHE D 27 7.98 21.92 -22.86
CA PHE D 27 7.01 21.42 -23.79
C PHE D 27 7.13 22.29 -25.03
N GLY D 28 7.81 21.73 -26.04
CA GLY D 28 8.03 22.41 -27.31
C GLY D 28 8.69 23.75 -27.13
N ASN D 29 7.99 24.74 -27.68
CA ASN D 29 8.17 26.17 -27.43
C ASN D 29 8.64 26.66 -26.03
N GLN D 30 7.82 26.48 -25.01
CA GLN D 30 7.92 27.40 -23.87
C GLN D 30 7.83 26.67 -22.56
N ARG D 31 8.63 27.17 -21.65
CA ARG D 31 8.83 26.52 -20.40
C ARG D 31 7.71 26.65 -19.37
N CYS D 32 7.42 25.56 -18.66
CA CYS D 32 6.36 25.58 -17.65
C CYS D 32 6.83 24.92 -16.38
N ARG D 33 6.93 25.69 -15.29
CA ARG D 33 7.40 25.06 -14.08
C ARG D 33 6.26 24.81 -13.14
N MET D 34 6.49 23.77 -12.33
CA MET D 34 5.58 23.28 -11.31
C MET D 34 6.38 23.21 -10.03
N VAL D 35 5.83 23.85 -9.01
CA VAL D 35 6.56 24.16 -7.82
C VAL D 35 5.98 23.48 -6.57
N ASN D 36 4.90 22.72 -6.77
CA ASN D 36 4.24 22.09 -5.65
C ASN D 36 3.76 20.69 -5.99
N SER D 37 2.57 20.35 -5.54
CA SER D 37 2.00 19.04 -5.83
C SER D 37 1.61 18.94 -7.32
N GLY D 38 1.58 20.08 -7.99
CA GLY D 38 1.38 20.09 -9.43
C GLY D 38 0.41 21.18 -9.82
N GLY D 39 -0.28 20.98 -10.92
CA GLY D 39 -1.21 21.98 -11.43
C GLY D 39 -1.61 21.73 -12.86
N PHE D 40 -2.34 22.69 -13.43
CA PHE D 40 -2.91 22.52 -14.76
C PHE D 40 -2.13 23.30 -15.82
N LEU D 41 -1.85 22.66 -16.95
CA LEU D 41 -1.09 23.28 -18.04
C LEU D 41 -1.98 24.09 -18.99
N ALA D 42 -1.75 25.40 -19.08
CA ALA D 42 -2.47 26.26 -20.02
C ALA D 42 -1.86 26.08 -21.40
N THR D 43 -2.48 26.63 -22.45
CA THR D 43 -1.98 26.38 -23.80
C THR D 43 -0.60 26.99 -24.11
N ASP D 44 -0.43 28.28 -23.85
CA ASP D 44 0.92 28.85 -23.88
C ASP D 44 1.12 29.71 -22.64
N GLY D 45 0.22 29.54 -21.67
CA GLY D 45 0.32 30.22 -20.38
C GLY D 45 1.72 29.97 -19.83
N SER D 46 2.16 30.77 -18.89
CA SER D 46 3.54 30.66 -18.50
C SER D 46 3.70 29.41 -17.64
N HIS D 47 3.15 29.38 -16.44
CA HIS D 47 3.34 28.18 -15.64
C HIS D 47 2.04 27.68 -15.06
N LEU D 48 2.05 26.41 -14.69
CA LEU D 48 0.91 25.63 -14.22
C LEU D 48 -0.13 26.39 -13.40
N LYS D 49 -1.40 26.30 -13.80
CA LYS D 49 -2.45 27.04 -13.11
C LYS D 49 -2.96 26.25 -11.91
N GLU D 50 -3.49 26.97 -10.94
CA GLU D 50 -3.92 26.39 -9.69
C GLU D 50 -5.29 25.78 -9.90
N MET D 51 -6.10 26.49 -10.67
CA MET D 51 -7.47 26.10 -10.96
C MET D 51 -7.62 25.46 -12.36
N GLU D 52 -8.57 24.53 -12.48
CA GLU D 52 -8.90 23.89 -13.74
C GLU D 52 -9.92 24.68 -14.56
N THR D 53 -9.43 25.55 -15.43
CA THR D 53 -10.31 26.29 -16.33
C THR D 53 -10.62 25.39 -17.50
N ASP D 54 -11.53 25.79 -18.38
CA ASP D 54 -11.80 24.92 -19.51
C ASP D 54 -10.86 25.24 -20.71
N ASP D 55 -9.76 25.98 -20.47
CA ASP D 55 -8.75 26.12 -21.53
C ASP D 55 -7.46 25.37 -21.15
N VAL D 56 -7.45 24.66 -20.02
CA VAL D 56 -6.29 23.84 -19.65
C VAL D 56 -6.24 22.48 -20.37
N LEU D 57 -5.02 22.01 -20.64
CA LEU D 57 -4.86 20.83 -21.45
C LEU D 57 -4.71 19.56 -20.64
N VAL D 58 -3.95 19.67 -19.57
CA VAL D 58 -3.45 18.50 -18.92
C VAL D 58 -3.21 18.82 -17.43
N GLU D 59 -3.25 17.80 -16.58
CA GLU D 59 -3.00 17.98 -15.15
C GLU D 59 -1.74 17.24 -14.77
N PHE D 60 -0.83 17.92 -14.10
CA PHE D 60 0.37 17.29 -13.57
C PHE D 60 0.23 17.16 -12.07
N LEU D 61 0.50 15.97 -11.55
CA LEU D 61 0.44 15.80 -10.10
C LEU D 61 1.74 15.19 -9.61
N ASN D 62 2.35 15.79 -8.60
CA ASN D 62 3.57 15.25 -8.07
C ASN D 62 3.41 14.90 -6.60
N ILE D 63 3.44 13.61 -6.30
CA ILE D 63 3.35 13.21 -4.90
C ILE D 63 4.31 12.09 -4.60
N GLU D 64 5.03 12.26 -3.50
CA GLU D 64 6.03 11.33 -3.03
C GLU D 64 7.03 10.93 -4.09
N HIS D 65 7.62 11.94 -4.73
CA HIS D 65 8.59 11.76 -5.80
C HIS D 65 8.03 10.98 -6.95
N GLN D 66 6.71 10.95 -7.09
CA GLN D 66 6.16 10.32 -8.27
C GLN D 66 5.38 11.32 -9.10
N LEU D 67 5.56 11.20 -10.40
CA LEU D 67 4.92 12.06 -11.37
C LEU D 67 3.71 11.39 -12.01
N PHE D 68 2.60 12.11 -12.06
CA PHE D 68 1.36 11.60 -12.65
C PHE D 68 0.78 12.59 -13.65
N ILE D 69 0.17 12.10 -14.72
CA ILE D 69 -0.48 12.99 -15.67
C ILE D 69 -1.94 12.59 -15.93
N ARG D 70 -2.83 13.57 -15.89
CA ARG D 70 -4.21 13.37 -16.30
C ARG D 70 -4.43 14.15 -17.59
N ASN D 71 -4.98 13.48 -18.58
CA ASN D 71 -5.31 14.14 -19.82
C ASN D 71 -6.69 14.72 -19.69
N ILE D 72 -6.87 15.97 -20.12
CA ILE D 72 -8.18 16.61 -20.10
C ILE D 72 -8.69 16.89 -21.50
N ARG D 73 -7.90 17.57 -22.32
CA ARG D 73 -8.32 18.03 -23.65
C ARG D 73 -7.26 17.85 -24.72
N ALA D 74 -6.30 16.97 -24.52
CA ALA D 74 -5.21 16.87 -25.44
C ALA D 74 -5.07 15.44 -25.92
N ILE D 75 -4.15 15.21 -26.86
CA ILE D 75 -3.72 13.87 -27.21
C ILE D 75 -2.44 13.59 -26.48
N VAL D 76 -2.48 12.60 -25.58
CA VAL D 76 -1.39 12.40 -24.65
C VAL D 76 -0.87 10.98 -24.69
N LYS D 77 0.45 10.85 -24.74
CA LYS D 77 1.04 9.53 -24.77
C LYS D 77 2.15 9.41 -23.73
N ILE D 78 2.25 8.24 -23.13
CA ILE D 78 3.44 7.82 -22.39
C ILE D 78 3.96 6.54 -23.03
N ALA D 79 5.07 6.62 -23.75
CA ALA D 79 5.53 5.50 -24.60
C ALA D 79 4.39 5.08 -25.53
N ASP D 80 3.95 3.82 -25.45
CA ASP D 80 2.92 3.32 -26.36
C ASP D 80 1.54 3.45 -25.73
N THR D 81 1.47 4.12 -24.59
CA THR D 81 0.22 4.24 -23.87
C THR D 81 -0.46 5.57 -24.16
N THR D 82 -1.67 5.54 -24.70
CA THR D 82 -2.37 6.80 -24.89
C THR D 82 -3.10 7.08 -23.58
N VAL D 83 -2.94 8.28 -23.06
CA VAL D 83 -3.54 8.63 -21.80
C VAL D 83 -4.97 9.07 -22.01
N LEU D 84 -5.92 8.25 -21.62
CA LEU D 84 -7.32 8.63 -21.82
C LEU D 84 -7.67 9.91 -21.08
N PRO D 85 -8.43 10.78 -21.75
CA PRO D 85 -8.92 11.95 -21.00
C PRO D 85 -9.92 11.51 -19.93
N SER D 86 -10.03 12.28 -18.84
CA SER D 86 -10.92 11.94 -17.73
C SER D 86 -11.46 13.21 -17.12
N ALA D 87 -12.63 13.15 -16.52
CA ALA D 87 -13.21 14.34 -15.90
C ALA D 87 -12.68 14.53 -14.48
N SER D 88 -12.88 15.73 -13.95
CA SER D 88 -12.33 16.11 -12.64
C SER D 88 -13.04 15.41 -11.48
N ASP D 89 -14.24 14.88 -11.71
CA ASP D 89 -14.91 14.12 -10.69
C ASP D 89 -14.61 12.63 -10.84
N LYS D 90 -13.92 12.26 -11.91
CA LYS D 90 -13.57 10.87 -12.10
C LYS D 90 -12.20 10.82 -12.72
N LYS D 91 -11.19 11.30 -12.00
CA LYS D 91 -9.85 11.46 -12.58
C LYS D 91 -9.15 10.15 -12.83
N LEU D 92 -8.49 10.07 -13.98
CA LEU D 92 -7.57 8.97 -14.24
C LEU D 92 -6.16 9.52 -14.28
N LEU D 93 -5.42 9.36 -13.20
CA LEU D 93 -4.07 9.92 -13.07
C LEU D 93 -3.09 8.81 -13.40
N TYR D 94 -2.30 9.01 -14.46
CA TYR D 94 -1.38 8.01 -14.96
C TYR D 94 0.03 8.20 -14.45
N TYR D 95 0.53 7.18 -13.78
CA TYR D 95 1.91 7.20 -13.36
C TYR D 95 2.81 7.34 -14.58
N VAL D 96 3.68 8.34 -14.58
CA VAL D 96 4.61 8.50 -15.68
C VAL D 96 5.77 7.52 -15.50
N PHE D 97 5.60 6.30 -16.01
CA PHE D 97 6.59 5.23 -15.85
C PHE D 97 7.79 5.34 -16.79
N ASP D 98 7.71 6.26 -17.75
CA ASP D 98 8.83 6.50 -18.65
C ASP D 98 8.90 8.00 -18.98
N GLU D 99 9.73 8.72 -18.23
CA GLU D 99 9.79 10.17 -18.37
C GLU D 99 10.42 10.60 -19.69
N THR D 100 11.02 9.65 -20.40
CA THR D 100 11.72 9.98 -21.63
C THR D 100 10.85 9.75 -22.88
N ARG D 101 9.62 9.31 -22.67
CA ARG D 101 8.71 9.06 -23.79
C ARG D 101 7.31 9.64 -23.57
N VAL D 102 7.24 10.81 -22.92
CA VAL D 102 6.00 11.53 -22.78
C VAL D 102 5.81 12.42 -23.98
N ARG D 103 4.63 12.33 -24.59
CA ARG D 103 4.24 13.15 -25.74
C ARG D 103 2.94 13.86 -25.44
N ILE D 104 2.83 15.15 -25.76
CA ILE D 104 1.56 15.86 -25.65
C ILE D 104 1.27 16.55 -26.96
N ASN D 105 0.15 16.22 -27.59
CA ASN D 105 -0.17 16.75 -28.92
C ASN D 105 1.01 16.56 -29.87
N ASP D 106 1.54 15.35 -29.92
CA ASP D 106 2.61 14.92 -30.81
C ASP D 106 3.90 15.75 -30.67
N THR D 107 4.10 16.28 -29.47
CA THR D 107 5.31 17.00 -29.08
C THR D 107 5.99 16.34 -27.88
N PRO D 108 7.28 16.03 -28.00
CA PRO D 108 7.98 15.43 -26.86
C PRO D 108 8.03 16.38 -25.65
N VAL D 109 7.89 15.80 -24.47
CA VAL D 109 7.90 16.54 -23.21
C VAL D 109 9.12 16.19 -22.39
N ILE D 110 9.92 17.21 -22.04
CA ILE D 110 11.15 16.97 -21.29
C ILE D 110 11.09 17.43 -19.83
N PHE D 111 11.46 16.54 -18.91
CA PHE D 111 11.49 16.85 -17.49
C PHE D 111 12.92 16.98 -16.91
N SER D 112 13.15 18.04 -16.15
CA SER D 112 14.46 18.25 -15.50
C SER D 112 14.30 18.78 -14.08
#